data_3SW0
#
_entry.id   3SW0
#
_cell.length_a   45.970
_cell.length_b   68.600
_cell.length_c   77.480
_cell.angle_alpha   90.00
_cell.angle_beta   90.00
_cell.angle_gamma   90.00
#
_symmetry.space_group_name_H-M   'P 2 21 21'
#
loop_
_entity.id
_entity.type
_entity.pdbx_description
1 polymer 'Complement factor H'
2 non-polymer GLYCEROL
3 non-polymer 'PHOSPHATE ION'
4 water water
#
_entity_poly.entity_id   1
_entity_poly.type   'polypeptide(L)'
_entity_poly.pdbx_seq_one_letter_code
;AGTSCVNPPTVQNAYIVSRQMSKYPSGERVRYQCRSPYEMFGDEEVMCLNGNWTEPPQCKDSTGKCGPPPPIDNGDITSF
PLSVYAPASSVEYQCQNLYQLEGNKRITCRNGQWSEPPKCLHPCVISREIMENYNIALRWTAKQKLYSRTGESVEFVCKR
GYRLSSRSHTLRTTCWDGKLEYPTCAKR
;
_entity_poly.pdbx_strand_id   X
#
# COMPACT_ATOMS: atom_id res chain seq x y z
N GLY A 2 -22.76 -14.97 -2.31
CA GLY A 2 -21.90 -14.57 -1.15
C GLY A 2 -20.71 -15.55 -0.95
N THR A 3 -20.82 -16.75 -1.50
CA THR A 3 -19.80 -17.79 -1.14
C THR A 3 -18.80 -18.16 -2.30
N SER A 4 -18.98 -17.50 -3.45
CA SER A 4 -18.09 -17.72 -4.60
CA SER A 4 -18.08 -17.75 -4.58
C SER A 4 -16.88 -16.82 -4.49
N CYS A 5 -15.86 -17.15 -5.29
CA CYS A 5 -14.62 -16.46 -5.17
C CYS A 5 -14.28 -15.94 -6.58
N VAL A 6 -13.46 -14.91 -6.56
CA VAL A 6 -12.88 -14.38 -7.81
C VAL A 6 -11.39 -14.14 -7.66
N ASN A 7 -10.71 -14.02 -8.80
CA ASN A 7 -9.30 -13.59 -8.77
C ASN A 7 -8.38 -14.52 -7.97
N PRO A 8 -8.14 -15.75 -8.46
CA PRO A 8 -7.14 -16.63 -7.81
C PRO A 8 -5.79 -15.93 -7.55
N PRO A 9 -5.16 -16.20 -6.40
CA PRO A 9 -3.93 -15.49 -6.02
C PRO A 9 -2.88 -15.56 -7.15
N THR A 10 -2.11 -14.48 -7.29
CA THR A 10 -0.99 -14.48 -8.25
CA THR A 10 -1.03 -14.52 -8.28
C THR A 10 0.21 -15.09 -7.58
N VAL A 11 0.77 -16.14 -8.18
CA VAL A 11 1.89 -16.82 -7.56
C VAL A 11 3.07 -16.55 -8.51
N GLN A 12 4.08 -15.85 -8.04
CA GLN A 12 5.24 -15.55 -8.88
CA GLN A 12 5.25 -15.54 -8.89
C GLN A 12 5.92 -16.83 -9.33
N ASN A 13 6.31 -16.85 -10.62
CA ASN A 13 7.00 -17.99 -11.25
C ASN A 13 6.14 -19.26 -11.35
N ALA A 14 4.81 -19.09 -11.36
CA ALA A 14 3.91 -20.25 -11.48
C ALA A 14 2.89 -19.86 -12.52
N TYR A 15 2.24 -20.88 -13.07
CA TYR A 15 1.06 -20.65 -13.90
C TYR A 15 -0.09 -21.58 -13.41
N ILE A 16 -1.31 -21.19 -13.71
CA ILE A 16 -2.48 -22.05 -13.36
C ILE A 16 -2.76 -22.97 -14.49
N VAL A 17 -2.88 -24.24 -14.17
CA VAL A 17 -3.13 -25.31 -15.09
C VAL A 17 -4.53 -25.93 -15.01
N SER A 18 -5.35 -25.43 -14.10
CA SER A 18 -6.76 -25.86 -14.11
C SER A 18 -7.55 -24.83 -14.96
N ARG A 19 -8.80 -25.20 -15.31
CA ARG A 19 -9.62 -24.29 -16.10
CA ARG A 19 -9.68 -24.33 -16.12
C ARG A 19 -10.01 -23.01 -15.40
N GLN A 20 -9.68 -21.89 -16.04
CA GLN A 20 -10.03 -20.59 -15.47
C GLN A 20 -11.50 -20.15 -15.83
N MET A 21 -12.09 -19.35 -14.95
CA MET A 21 -13.47 -18.90 -15.11
CA MET A 21 -13.49 -18.92 -15.07
C MET A 21 -13.56 -17.59 -14.38
N SER A 22 -14.65 -16.83 -14.56
CA SER A 22 -14.71 -15.50 -13.92
C SER A 22 -15.10 -15.59 -12.44
N LYS A 23 -15.89 -16.60 -12.07
CA LYS A 23 -16.38 -16.73 -10.67
C LYS A 23 -16.24 -18.21 -10.27
N TYR A 24 -15.67 -18.51 -9.10
CA TYR A 24 -15.42 -19.89 -8.76
C TYR A 24 -16.35 -20.27 -7.62
N PRO A 25 -17.17 -21.31 -7.79
CA PRO A 25 -18.06 -21.67 -6.69
C PRO A 25 -17.20 -22.15 -5.51
N SER A 26 -17.76 -22.00 -4.32
CA SER A 26 -17.14 -22.56 -3.15
C SER A 26 -16.84 -24.04 -3.37
N GLY A 27 -15.62 -24.48 -3.06
CA GLY A 27 -15.21 -25.87 -3.36
C GLY A 27 -14.37 -26.09 -4.63
N GLU A 28 -14.37 -25.11 -5.51
CA GLU A 28 -13.55 -25.19 -6.76
C GLU A 28 -12.08 -25.22 -6.36
N ARG A 29 -11.24 -25.91 -7.14
CA ARG A 29 -9.83 -26.07 -6.79
C ARG A 29 -9.11 -25.43 -7.96
N VAL A 30 -8.16 -24.56 -7.70
CA VAL A 30 -7.31 -23.98 -8.74
C VAL A 30 -5.95 -24.64 -8.56
N ARG A 31 -5.32 -25.16 -9.64
CA ARG A 31 -4.05 -25.87 -9.52
CA ARG A 31 -4.04 -25.84 -9.52
C ARG A 31 -2.93 -25.07 -10.21
N TYR A 32 -1.86 -24.83 -9.46
CA TYR A 32 -0.67 -24.13 -9.92
C TYR A 32 0.42 -25.11 -10.29
N GLN A 33 1.34 -24.68 -11.19
CA GLN A 33 2.54 -25.46 -11.45
C GLN A 33 3.66 -24.43 -11.49
N CYS A 34 4.79 -24.71 -10.90
CA CYS A 34 5.90 -23.75 -10.97
C CYS A 34 6.57 -23.91 -12.36
N ARG A 35 6.97 -22.81 -12.96
CA ARG A 35 7.98 -22.82 -14.08
C ARG A 35 9.29 -23.52 -13.72
N SER A 36 9.92 -24.30 -14.60
CA SER A 36 11.29 -24.76 -14.27
C SER A 36 12.20 -23.52 -14.18
N PRO A 37 13.24 -23.55 -13.35
CA PRO A 37 13.70 -24.63 -12.51
C PRO A 37 13.17 -24.44 -11.10
N TYR A 38 12.12 -23.62 -10.93
CA TYR A 38 11.68 -23.31 -9.48
C TYR A 38 11.12 -24.52 -8.75
N GLU A 39 11.26 -24.51 -7.41
CA GLU A 39 10.80 -25.62 -6.57
C GLU A 39 9.47 -25.09 -5.93
N MET A 40 8.45 -25.95 -5.85
CA MET A 40 7.22 -25.54 -5.17
C MET A 40 7.25 -25.72 -3.66
N PHE A 41 6.64 -24.77 -2.93
CA PHE A 41 6.48 -24.83 -1.51
C PHE A 41 4.97 -24.64 -1.24
N GLY A 42 4.45 -25.40 -0.27
CA GLY A 42 2.98 -25.36 0.01
C GLY A 42 2.16 -26.15 -0.99
N ASP A 43 0.82 -26.01 -0.96
CA ASP A 43 -0.03 -26.91 -1.71
C ASP A 43 -0.17 -26.43 -3.11
N GLU A 44 -0.05 -27.34 -4.07
CA GLU A 44 -0.30 -26.88 -5.46
C GLU A 44 -1.74 -26.53 -5.78
N GLU A 45 -2.68 -26.92 -4.90
CA GLU A 45 -4.04 -26.52 -5.10
C GLU A 45 -4.49 -25.48 -4.09
N VAL A 46 -5.25 -24.52 -4.59
CA VAL A 46 -5.83 -23.43 -3.80
C VAL A 46 -7.36 -23.61 -4.00
N MET A 47 -8.13 -23.71 -2.91
CA MET A 47 -9.54 -23.86 -3.04
C MET A 47 -10.28 -22.56 -2.65
N CYS A 48 -11.48 -22.44 -3.19
CA CYS A 48 -12.39 -21.35 -2.81
C CYS A 48 -13.23 -21.94 -1.64
N LEU A 49 -13.20 -21.28 -0.50
CA LEU A 49 -13.98 -21.69 0.65
C LEU A 49 -14.82 -20.40 1.05
N ASN A 50 -16.08 -20.37 0.60
CA ASN A 50 -17.06 -19.34 1.08
C ASN A 50 -16.52 -17.92 0.87
N GLY A 51 -15.99 -17.67 -0.34
CA GLY A 51 -15.46 -16.36 -0.66
C GLY A 51 -13.99 -16.03 -0.42
N ASN A 52 -13.23 -16.88 0.31
CA ASN A 52 -11.81 -16.65 0.58
C ASN A 52 -11.04 -17.84 -0.05
N TRP A 53 -9.91 -17.56 -0.62
CA TRP A 53 -9.06 -18.66 -1.14
C TRP A 53 -8.22 -19.23 0.02
N THR A 54 -7.88 -20.53 -0.07
CA THR A 54 -6.94 -21.08 0.90
C THR A 54 -5.53 -20.65 0.51
N GLU A 55 -4.54 -21.09 1.29
CA GLU A 55 -3.21 -20.51 1.19
C GLU A 55 -2.51 -20.94 -0.11
N PRO A 56 -2.00 -19.97 -0.86
CA PRO A 56 -1.32 -20.32 -2.16
C PRO A 56 0.08 -20.85 -1.96
N PRO A 57 0.56 -21.59 -2.97
CA PRO A 57 1.95 -22.07 -2.89
C PRO A 57 2.94 -20.91 -3.26
N GLN A 58 4.23 -21.21 -3.16
CA GLN A 58 5.29 -20.31 -3.71
C GLN A 58 6.19 -21.16 -4.59
N CYS A 59 6.90 -20.47 -5.49
CA CYS A 59 7.75 -21.14 -6.47
C CYS A 59 9.08 -20.39 -6.27
N LYS A 60 10.07 -21.03 -5.68
CA LYS A 60 11.31 -20.34 -5.32
C LYS A 60 12.48 -21.11 -5.89
N ASP A 61 13.59 -20.38 -6.00
CA ASP A 61 14.89 -20.98 -6.31
C ASP A 61 15.38 -21.91 -5.19
N SER A 62 15.68 -23.16 -5.56
CA SER A 62 16.00 -24.15 -4.55
C SER A 62 17.32 -23.87 -3.80
N THR A 63 18.18 -23.00 -4.32
CA THR A 63 19.43 -22.57 -3.61
C THR A 63 19.26 -21.30 -2.80
N GLY A 64 18.04 -20.77 -2.75
CA GLY A 64 17.72 -19.61 -1.90
C GLY A 64 17.99 -18.26 -2.58
N LYS A 65 18.37 -18.26 -3.84
CA LYS A 65 18.56 -16.98 -4.55
C LYS A 65 17.22 -16.30 -4.72
N CYS A 66 17.22 -14.97 -4.85
CA CYS A 66 15.99 -14.19 -5.13
C CYS A 66 16.08 -13.64 -6.52
N GLY A 67 14.90 -13.32 -7.06
CA GLY A 67 14.74 -12.54 -8.31
C GLY A 67 14.86 -11.03 -7.99
N PRO A 68 14.52 -10.17 -8.98
CA PRO A 68 14.56 -8.71 -8.80
C PRO A 68 13.68 -8.30 -7.63
N PRO A 69 14.12 -7.25 -6.91
CA PRO A 69 13.26 -6.75 -5.82
C PRO A 69 11.89 -6.25 -6.33
N PRO A 70 10.87 -6.31 -5.46
CA PRO A 70 9.53 -5.89 -5.88
C PRO A 70 9.46 -4.37 -6.09
N PRO A 71 8.62 -3.92 -7.06
CA PRO A 71 8.41 -2.46 -7.20
C PRO A 71 7.51 -2.02 -6.04
N ILE A 72 7.55 -0.73 -5.74
CA ILE A 72 6.61 -0.19 -4.75
C ILE A 72 6.03 1.11 -5.38
N ASP A 73 4.80 1.45 -5.06
CA ASP A 73 4.24 2.73 -5.53
C ASP A 73 4.93 3.92 -4.94
N ASN A 74 5.24 4.89 -5.82
CA ASN A 74 5.82 6.19 -5.47
C ASN A 74 7.16 6.05 -4.77
N GLY A 75 7.89 4.96 -5.07
CA GLY A 75 9.25 4.81 -4.49
C GLY A 75 10.11 4.00 -5.48
N ASP A 76 11.41 3.94 -5.26
CA ASP A 76 12.18 2.97 -6.09
CA ASP A 76 12.38 3.32 -6.22
C ASP A 76 13.43 2.54 -5.37
N ILE A 77 14.08 1.47 -5.88
CA ILE A 77 15.27 1.01 -5.18
C ILE A 77 16.42 1.96 -5.50
N THR A 78 17.44 1.95 -4.65
CA THR A 78 18.51 2.91 -4.78
C THR A 78 19.76 2.24 -5.38
N SER A 79 19.52 1.32 -6.26
CA SER A 79 20.61 0.59 -6.89
C SER A 79 20.11 -0.02 -8.17
N PHE A 80 21.02 -0.63 -8.99
CA PHE A 80 20.61 -1.26 -10.25
C PHE A 80 19.89 -2.60 -9.97
N PRO A 81 18.69 -2.84 -10.55
CA PRO A 81 18.01 -4.10 -10.16
C PRO A 81 18.60 -5.32 -10.91
N LEU A 82 19.33 -6.16 -10.23
CA LEU A 82 19.85 -7.40 -10.85
C LEU A 82 18.72 -8.39 -11.10
N SER A 83 18.97 -9.33 -12.02
CA SER A 83 17.98 -10.38 -12.26
C SER A 83 18.05 -11.47 -11.18
N VAL A 84 19.17 -11.55 -10.47
CA VAL A 84 19.38 -12.63 -9.49
C VAL A 84 20.22 -12.12 -8.36
N TYR A 85 19.79 -12.42 -7.11
CA TYR A 85 20.51 -12.03 -5.90
C TYR A 85 20.85 -13.26 -5.05
N ALA A 86 22.05 -13.28 -4.48
CA ALA A 86 22.44 -14.32 -3.56
C ALA A 86 21.61 -14.18 -2.29
N PRO A 87 21.43 -15.29 -1.57
CA PRO A 87 20.85 -15.21 -0.27
C PRO A 87 21.64 -14.26 0.62
N ALA A 88 20.92 -13.55 1.48
CA ALA A 88 21.41 -12.51 2.39
C ALA A 88 21.80 -11.20 1.73
N SER A 89 21.60 -11.06 0.41
CA SER A 89 21.80 -9.79 -0.25
C SER A 89 20.73 -8.82 0.26
N SER A 90 21.01 -7.52 0.21
CA SER A 90 19.96 -6.56 0.57
CA SER A 90 19.98 -6.53 0.59
C SER A 90 19.87 -5.44 -0.46
N VAL A 91 18.69 -4.84 -0.54
CA VAL A 91 18.55 -3.64 -1.37
C VAL A 91 17.76 -2.62 -0.55
N GLU A 92 17.83 -1.36 -0.96
CA GLU A 92 17.08 -0.30 -0.17
C GLU A 92 16.22 0.54 -1.12
N TYR A 93 15.17 1.15 -0.55
CA TYR A 93 14.22 2.00 -1.27
C TYR A 93 14.27 3.44 -0.81
N GLN A 94 13.81 4.30 -1.70
CA GLN A 94 13.70 5.75 -1.54
CA GLN A 94 13.61 5.72 -1.35
C GLN A 94 12.26 6.12 -1.95
N CYS A 95 11.54 6.97 -1.21
CA CYS A 95 10.26 7.47 -1.70
C CYS A 95 10.42 8.77 -2.48
N GLN A 96 9.49 9.00 -3.39
CA GLN A 96 9.42 10.27 -4.11
C GLN A 96 9.11 11.46 -3.20
N ASN A 97 9.35 12.67 -3.71
CA ASN A 97 9.29 13.87 -2.92
C ASN A 97 7.86 13.99 -2.23
N LEU A 98 7.87 14.34 -0.94
CA LEU A 98 6.64 14.55 -0.12
C LEU A 98 6.02 13.22 0.33
N TYR A 99 6.49 12.08 -0.18
CA TYR A 99 5.99 10.78 0.29
C TYR A 99 6.79 10.30 1.46
N GLN A 100 6.15 9.50 2.33
CA GLN A 100 6.78 9.15 3.59
C GLN A 100 7.02 7.67 3.62
N LEU A 101 8.28 7.27 3.85
CA LEU A 101 8.58 5.85 3.91
C LEU A 101 8.01 5.20 5.16
N GLU A 102 7.32 4.09 5.00
CA GLU A 102 6.77 3.37 6.17
C GLU A 102 7.35 1.98 6.17
N GLY A 103 8.05 1.62 7.25
CA GLY A 103 8.58 0.24 7.38
C GLY A 103 10.10 0.35 7.13
N ASN A 104 10.79 -0.78 7.11
CA ASN A 104 12.26 -0.76 6.96
C ASN A 104 12.56 -0.36 5.54
N LYS A 105 13.54 0.52 5.33
CA LYS A 105 13.87 0.97 3.97
C LYS A 105 14.60 -0.15 3.24
N ARG A 106 15.14 -1.06 4.00
CA ARG A 106 15.95 -2.19 3.44
C ARG A 106 15.20 -3.50 3.39
N ILE A 107 15.36 -4.28 2.31
CA ILE A 107 14.81 -5.65 2.33
C ILE A 107 15.98 -6.61 2.15
N THR A 108 15.80 -7.85 2.60
CA THR A 108 16.87 -8.85 2.52
C THR A 108 16.31 -10.13 1.91
N CYS A 109 17.10 -10.78 1.08
CA CYS A 109 16.79 -12.05 0.46
C CYS A 109 17.12 -13.18 1.45
N ARG A 110 16.09 -13.91 1.86
CA ARG A 110 16.26 -15.00 2.84
C ARG A 110 15.27 -16.08 2.39
N ASN A 111 15.81 -17.29 2.27
CA ASN A 111 14.99 -18.49 1.98
C ASN A 111 14.30 -18.31 0.66
N GLY A 112 15.01 -17.73 -0.29
CA GLY A 112 14.43 -17.57 -1.62
C GLY A 112 13.32 -16.54 -1.75
N GLN A 113 13.13 -15.69 -0.74
CA GLN A 113 12.14 -14.59 -0.95
C GLN A 113 12.62 -13.25 -0.29
N TRP A 114 12.13 -12.12 -0.78
CA TRP A 114 12.48 -10.81 -0.19
C TRP A 114 11.62 -10.64 1.02
N SER A 115 12.21 -10.07 2.02
CA SER A 115 11.45 -9.58 3.17
C SER A 115 10.52 -8.46 2.69
N GLU A 116 9.56 -8.07 3.55
CA GLU A 116 8.51 -7.17 3.15
CA GLU A 116 8.52 -7.19 3.09
C GLU A 116 9.04 -5.79 2.75
N PRO A 117 8.75 -5.30 1.53
CA PRO A 117 9.22 -3.94 1.24
C PRO A 117 8.44 -2.85 1.99
N PRO A 118 9.00 -1.65 2.10
CA PRO A 118 8.26 -0.56 2.73
C PRO A 118 7.17 0.00 1.81
N LYS A 119 6.36 0.91 2.36
CA LYS A 119 5.40 1.65 1.56
C LYS A 119 5.86 3.11 1.52
N CYS A 120 5.41 3.83 0.49
CA CYS A 120 5.63 5.28 0.40
C CYS A 120 4.23 5.93 0.56
N LEU A 121 4.00 6.54 1.70
CA LEU A 121 2.61 7.01 2.01
C LEU A 121 2.42 8.44 1.52
N HIS A 122 1.25 8.73 0.96
CA HIS A 122 0.94 9.99 0.29
C HIS A 122 0.89 11.17 1.25
N PRO A 123 1.35 12.35 0.80
CA PRO A 123 1.13 13.57 1.53
C PRO A 123 -0.38 13.93 1.41
N CYS A 124 -0.84 14.89 2.23
CA CYS A 124 -2.23 15.28 2.19
C CYS A 124 -2.30 16.67 1.57
N VAL A 125 -3.26 16.83 0.71
CA VAL A 125 -3.54 18.18 0.16
C VAL A 125 -4.20 19.03 1.23
N ILE A 126 -3.81 20.30 1.39
CA ILE A 126 -4.57 21.21 2.21
C ILE A 126 -5.27 22.20 1.30
N SER A 127 -6.57 21.97 1.09
CA SER A 127 -7.32 22.72 0.06
C SER A 127 -7.73 24.14 0.52
N ARG A 128 -7.29 25.18 -0.21
CA ARG A 128 -7.73 26.57 0.01
CA ARG A 128 -7.74 26.51 0.18
C ARG A 128 -9.20 26.72 -0.15
N GLU A 129 -9.72 26.02 -1.16
CA GLU A 129 -11.12 26.14 -1.47
C GLU A 129 -12.05 25.53 -0.40
N ILE A 130 -11.68 24.34 0.07
CA ILE A 130 -12.39 23.70 1.16
CA ILE A 130 -12.42 23.74 1.14
C ILE A 130 -12.32 24.62 2.39
N MET A 131 -11.13 25.09 2.70
CA MET A 131 -10.97 25.93 3.89
C MET A 131 -11.88 27.18 3.84
N GLU A 132 -11.87 27.85 2.71
CA GLU A 132 -12.77 28.97 2.48
C GLU A 132 -14.20 28.61 2.71
N ASN A 133 -14.64 27.52 2.10
CA ASN A 133 -16.00 27.09 2.25
CA ASN A 133 -16.02 27.05 2.26
C ASN A 133 -16.38 26.68 3.67
N TYR A 134 -15.40 26.27 4.47
CA TYR A 134 -15.73 25.78 5.76
C TYR A 134 -15.43 26.81 6.84
N ASN A 135 -15.01 28.02 6.45
CA ASN A 135 -14.75 29.13 7.37
C ASN A 135 -13.61 28.85 8.31
N ILE A 136 -12.55 28.24 7.76
CA ILE A 136 -11.39 27.88 8.63
C ILE A 136 -10.13 28.36 7.99
N ALA A 137 -9.01 28.32 8.72
CA ALA A 137 -7.71 28.67 8.12
C ALA A 137 -6.68 27.86 8.85
N LEU A 138 -5.46 27.84 8.35
CA LEU A 138 -4.40 27.20 9.12
C LEU A 138 -3.98 28.11 10.28
N ARG A 139 -3.67 27.47 11.40
CA ARG A 139 -3.31 28.15 12.64
C ARG A 139 -1.93 28.81 12.49
N TRP A 140 -1.00 28.11 11.85
CA TRP A 140 0.33 28.64 11.66
C TRP A 140 0.52 28.96 10.17
N THR A 141 0.36 30.23 9.82
CA THR A 141 0.62 30.73 8.45
C THR A 141 2.11 31.01 8.35
N ALA A 142 2.91 29.95 8.53
CA ALA A 142 4.37 30.05 8.51
C ALA A 142 5.54 30.12 7.51
N LYS A 143 5.50 29.30 6.45
CA LYS A 143 5.66 29.24 4.99
C LYS A 143 4.27 28.91 4.42
N GLN A 144 4.15 28.91 3.09
CA GLN A 144 2.91 28.50 2.42
C GLN A 144 2.81 26.98 2.29
N LYS A 145 2.36 26.31 3.37
CA LYS A 145 2.18 24.87 3.25
C LYS A 145 0.91 24.51 2.45
N LEU A 146 1.12 24.05 1.23
CA LEU A 146 0.05 23.55 0.40
C LEU A 146 -0.24 22.06 0.70
N TYR A 147 0.75 21.38 1.30
CA TYR A 147 0.65 19.91 1.57
C TYR A 147 1.14 19.66 2.99
N SER A 148 0.68 18.56 3.60
CA SER A 148 1.22 18.04 4.84
CA SER A 148 1.33 18.08 4.80
CA SER A 148 1.33 18.08 4.79
C SER A 148 1.85 16.70 4.49
N ARG A 149 2.84 16.26 5.26
CA ARG A 149 3.35 14.89 5.12
C ARG A 149 2.60 13.90 6.01
N THR A 150 2.52 12.67 5.54
CA THR A 150 1.98 11.56 6.40
C THR A 150 2.64 11.61 7.78
N GLY A 151 1.80 11.55 8.85
CA GLY A 151 2.33 11.60 10.24
C GLY A 151 2.33 12.98 10.90
N GLU A 152 2.25 14.03 10.10
CA GLU A 152 2.26 15.40 10.61
C GLU A 152 0.87 15.82 11.12
N SER A 153 0.89 16.59 12.21
CA SER A 153 -0.38 17.20 12.70
C SER A 153 -0.65 18.44 11.92
N VAL A 154 -1.91 18.68 11.55
CA VAL A 154 -2.32 19.91 10.87
C VAL A 154 -3.33 20.59 11.79
N GLU A 155 -3.10 21.83 12.12
CA GLU A 155 -4.03 22.50 13.04
CA GLU A 155 -3.96 22.54 13.07
C GLU A 155 -4.69 23.68 12.37
N PHE A 156 -6.00 23.70 12.47
CA PHE A 156 -6.76 24.79 11.89
C PHE A 156 -7.30 25.71 12.99
N VAL A 157 -7.86 26.84 12.59
CA VAL A 157 -8.64 27.68 13.54
C VAL A 157 -9.87 28.09 12.74
N CYS A 158 -10.97 28.41 13.46
CA CYS A 158 -12.08 29.14 12.80
C CYS A 158 -11.60 30.51 12.32
N LYS A 159 -12.10 30.99 11.19
CA LYS A 159 -11.84 32.37 10.76
C LYS A 159 -12.42 33.38 11.79
N ARG A 160 -11.85 34.59 11.83
CA ARG A 160 -12.33 35.70 12.75
C ARG A 160 -13.88 35.79 12.69
N GLY A 161 -14.54 35.48 13.81
CA GLY A 161 -16.00 35.60 13.92
C GLY A 161 -16.81 34.32 13.80
N TYR A 162 -16.15 33.17 13.66
CA TYR A 162 -16.83 31.89 13.54
C TYR A 162 -16.43 31.02 14.70
N ARG A 163 -17.25 30.03 15.02
CA ARG A 163 -16.89 29.08 16.03
C ARG A 163 -17.16 27.72 15.44
N LEU A 164 -16.65 26.69 16.11
CA LEU A 164 -16.67 25.33 15.62
C LEU A 164 -18.10 24.90 15.56
N SER A 165 -18.52 24.37 14.40
CA SER A 165 -19.89 23.87 14.23
CA SER A 165 -19.90 23.92 14.28
C SER A 165 -20.16 22.74 15.20
N SER A 166 -21.42 22.59 15.66
CA SER A 166 -21.65 21.63 16.73
C SER A 166 -21.28 20.20 16.39
N ARG A 167 -21.32 19.78 15.12
CA ARG A 167 -20.91 18.40 14.83
C ARG A 167 -19.55 18.22 14.09
N SER A 168 -18.74 19.27 14.13
CA SER A 168 -17.48 19.28 13.36
C SER A 168 -16.42 18.30 13.90
N HIS A 169 -15.50 17.89 13.01
CA HIS A 169 -14.30 17.16 13.37
C HIS A 169 -13.50 18.15 14.18
N THR A 170 -12.45 17.66 14.85
CA THR A 170 -11.65 18.58 15.71
C THR A 170 -10.82 19.51 14.87
N LEU A 171 -10.31 20.58 15.48
CA LEU A 171 -9.47 21.54 14.77
C LEU A 171 -8.00 21.03 14.50
N ARG A 172 -7.61 19.97 15.16
CA ARG A 172 -6.26 19.39 14.92
C ARG A 172 -6.37 17.96 14.49
N THR A 173 -5.70 17.61 13.39
CA THR A 173 -5.87 16.29 12.87
C THR A 173 -4.54 15.80 12.29
N THR A 174 -4.41 14.49 12.14
CA THR A 174 -3.13 13.95 11.64
C THR A 174 -3.26 13.59 10.16
N CYS A 175 -2.34 14.05 9.33
CA CYS A 175 -2.32 13.65 7.88
C CYS A 175 -1.90 12.18 7.81
N TRP A 176 -2.66 11.40 7.08
CA TRP A 176 -2.22 9.99 6.91
C TRP A 176 -2.54 9.42 5.55
N ASP A 177 -1.48 9.20 4.72
CA ASP A 177 -1.62 8.57 3.41
C ASP A 177 -2.75 9.31 2.60
N GLY A 178 -2.68 10.63 2.59
CA GLY A 178 -3.63 11.45 1.81
C GLY A 178 -4.88 11.91 2.64
N LYS A 179 -5.15 11.22 3.72
CA LYS A 179 -6.40 11.47 4.50
C LYS A 179 -6.18 12.60 5.50
N LEU A 180 -6.97 13.67 5.32
CA LEU A 180 -6.95 14.79 6.23
CA LEU A 180 -6.95 14.79 6.21
C LEU A 180 -8.44 15.08 6.56
N GLU A 181 -8.78 15.08 7.86
CA GLU A 181 -10.20 15.37 8.22
C GLU A 181 -10.35 16.88 8.49
N TYR A 182 -11.23 17.57 7.76
CA TYR A 182 -11.36 19.01 7.99
C TYR A 182 -12.49 19.33 9.00
N PRO A 183 -12.25 20.29 9.85
CA PRO A 183 -13.30 20.83 10.73
C PRO A 183 -14.09 21.87 9.98
N THR A 184 -15.25 22.20 10.52
CA THR A 184 -16.04 23.28 9.93
C THR A 184 -16.44 24.25 11.04
N CYS A 185 -16.47 25.50 10.71
CA CYS A 185 -16.99 26.51 11.63
C CYS A 185 -18.18 27.32 11.03
N ALA A 186 -18.95 27.89 11.97
CA ALA A 186 -20.22 28.58 11.62
C ALA A 186 -20.25 29.95 12.29
N LYS A 187 -20.95 30.89 11.66
CA LYS A 187 -21.22 32.21 12.28
C LYS A 187 -22.13 31.96 13.46
#